data_7B4R
#
_entry.id   7B4R
#
_cell.length_a   62.962
_cell.length_b   83.049
_cell.length_c   56.023
_cell.angle_alpha   90.000
_cell.angle_beta   90.000
_cell.angle_gamma   90.000
#
_symmetry.space_group_name_H-M   'P 21 21 2'
#
loop_
_entity.id
_entity.type
_entity.pdbx_description
1 polymer "Possible 4'-phosphopantetheinyl transferase"
2 non-polymer "N-(2,6-diethylphenyl)-N'-(N-ethylcarbamimidoyl)urea"
3 non-polymer 'COENZYME A'
4 non-polymer 'MANGANESE (II) ION'
5 water water
#
_entity_poly.entity_id   1
_entity_poly.type   'polypeptide(L)'
_entity_poly.pdbx_seq_one_letter_code
;MPVTDQLIASVVPELLPSAELYEDPPGLEPLPEEEPLIAKSVAKRRNEFITVRYCARQALSVLGIPEVPILKGDKGQPLW
PDGIVGSMTHTEGFRGAVVGRTGEVRSVGIDAEPHDVLPNGVLKSIALPVERDELDALPAGTHWDRLLFCAKETTYKAWF
PLTARWLGFEDAHITIDPDGTFTSRILVDGRANDGTVLSAFDGRWIIDKGLILTAIVVPKLAAALEHHHHHH
;
_entity_poly.pdbx_strand_id   A
#
loop_
_chem_comp.id
_chem_comp.type
_chem_comp.name
_chem_comp.formula
COA non-polymer 'COENZYME A' 'C21 H36 N7 O16 P3 S'
FD7 non-polymer N-(2,6-diethylphenyl)-N'-(N-ethylcarbamimidoyl)urea 'C14 H22 N4 O'
MN non-polymer 'MANGANESE (II) ION' 'Mn 2'
#
# COMPACT_ATOMS: atom_id res chain seq x y z
N ASP A 5 -8.00 -16.92 -0.69
CA ASP A 5 -8.67 -16.15 0.36
C ASP A 5 -7.81 -15.00 0.95
N GLN A 6 -6.54 -14.90 0.56
CA GLN A 6 -5.68 -13.81 1.03
C GLN A 6 -6.16 -12.50 0.42
N LEU A 7 -6.12 -11.44 1.22
CA LEU A 7 -6.63 -10.15 0.81
C LEU A 7 -5.82 -9.50 -0.29
N ILE A 8 -4.48 -9.45 -0.16
CA ILE A 8 -3.68 -8.81 -1.20
C ILE A 8 -3.79 -9.55 -2.52
N ALA A 9 -3.72 -10.90 -2.47
CA ALA A 9 -3.82 -11.67 -3.70
C ALA A 9 -5.12 -11.43 -4.47
N SER A 10 -6.20 -11.08 -3.77
N SER A 10 -6.20 -11.07 -3.75
CA SER A 10 -7.47 -10.82 -4.44
CA SER A 10 -7.50 -10.80 -4.36
C SER A 10 -7.47 -9.50 -5.22
C SER A 10 -7.58 -9.44 -5.09
N VAL A 11 -6.60 -8.53 -4.86
CA VAL A 11 -6.63 -7.21 -5.49
C VAL A 11 -5.39 -6.86 -6.32
N VAL A 12 -4.47 -7.82 -6.55
CA VAL A 12 -3.30 -7.62 -7.42
C VAL A 12 -3.19 -8.79 -8.42
N PRO A 13 -2.56 -8.58 -9.59
CA PRO A 13 -2.39 -9.70 -10.54
C PRO A 13 -1.45 -10.77 -10.01
N GLU A 14 -1.58 -11.99 -10.54
CA GLU A 14 -0.75 -13.13 -10.16
C GLU A 14 0.76 -12.88 -10.37
N LEU A 15 1.11 -12.03 -11.33
CA LEU A 15 2.48 -11.66 -11.61
C LEU A 15 3.20 -10.96 -10.44
N LEU A 16 2.42 -10.47 -9.44
CA LEU A 16 3.03 -9.80 -8.29
C LEU A 16 2.82 -10.64 -7.04
N PRO A 17 3.84 -11.44 -6.65
CA PRO A 17 3.69 -12.27 -5.44
C PRO A 17 3.43 -11.44 -4.21
N SER A 18 2.61 -11.96 -3.30
CA SER A 18 2.31 -11.24 -2.06
C SER A 18 2.30 -12.24 -0.91
N ALA A 19 2.38 -11.70 0.33
CA ALA A 19 2.34 -12.54 1.52
C ALA A 19 1.77 -11.71 2.65
N GLU A 20 0.99 -12.33 3.54
CA GLU A 20 0.34 -11.61 4.62
C GLU A 20 0.17 -12.48 5.84
N LEU A 21 0.29 -11.83 7.01
CA LEU A 21 0.15 -12.51 8.29
C LEU A 21 -0.76 -11.68 9.13
N TYR A 22 -1.68 -12.32 9.85
CA TYR A 22 -2.63 -11.56 10.67
C TYR A 22 -2.17 -11.34 12.12
N GLU A 23 -1.17 -12.09 12.56
CA GLU A 23 -0.61 -11.96 13.88
C GLU A 23 0.91 -11.84 13.74
N ASP A 24 1.60 -11.55 14.85
CA ASP A 24 3.04 -11.56 14.87
C ASP A 24 3.47 -12.91 15.43
N PRO A 25 3.93 -13.82 14.55
CA PRO A 25 4.31 -15.17 15.04
C PRO A 25 5.50 -15.07 15.98
N PRO A 26 5.58 -15.98 16.97
CA PRO A 26 6.70 -15.90 17.94
C PRO A 26 8.04 -16.21 17.32
N GLY A 27 9.07 -15.52 17.77
CA GLY A 27 10.44 -15.81 17.40
C GLY A 27 11.04 -15.09 16.21
N LEU A 28 10.27 -14.20 15.53
CA LEU A 28 10.83 -13.51 14.39
C LEU A 28 11.89 -12.50 14.79
N GLU A 29 12.81 -12.22 13.87
N GLU A 29 12.84 -12.25 13.88
CA GLU A 29 13.87 -11.25 14.10
CA GLU A 29 13.94 -11.30 14.07
C GLU A 29 14.12 -10.44 12.82
C GLU A 29 14.14 -10.45 12.82
N PRO A 30 14.57 -9.19 12.95
CA PRO A 30 14.94 -8.42 11.76
C PRO A 30 16.33 -8.93 11.33
N LEU A 31 16.72 -8.60 10.10
CA LEU A 31 18.09 -8.92 9.67
C LEU A 31 19.02 -7.93 10.41
N PRO A 32 20.30 -8.28 10.67
CA PRO A 32 21.18 -7.37 11.44
C PRO A 32 21.24 -5.92 10.92
N GLU A 33 21.22 -5.75 9.60
CA GLU A 33 21.27 -4.45 8.95
C GLU A 33 20.00 -3.61 9.24
N GLU A 34 18.88 -4.28 9.55
CA GLU A 34 17.61 -3.62 9.85
C GLU A 34 17.46 -3.21 11.30
N GLU A 35 18.15 -3.90 12.23
CA GLU A 35 18.02 -3.65 13.66
C GLU A 35 18.18 -2.16 14.05
N PRO A 36 19.13 -1.39 13.50
CA PRO A 36 19.24 0.02 13.89
C PRO A 36 17.98 0.85 13.64
N LEU A 37 17.18 0.47 12.64
CA LEU A 37 15.95 1.21 12.31
C LEU A 37 14.88 1.11 13.39
N ILE A 38 14.94 0.06 14.24
CA ILE A 38 13.95 -0.10 15.30
C ILE A 38 14.58 -0.27 16.70
N ALA A 39 15.88 0.05 16.86
CA ALA A 39 16.58 -0.12 18.14
C ALA A 39 15.95 0.58 19.32
N LYS A 40 15.38 1.77 19.09
CA LYS A 40 14.74 2.52 20.17
C LYS A 40 13.21 2.60 20.00
N SER A 41 12.61 1.63 19.26
CA SER A 41 11.17 1.60 19.00
C SER A 41 10.41 0.75 20.00
N VAL A 42 9.16 1.15 20.28
CA VAL A 42 8.29 0.37 21.17
C VAL A 42 7.98 -1.00 20.53
N ALA A 43 7.57 -1.96 21.36
CA ALA A 43 7.28 -3.33 20.92
C ALA A 43 6.30 -3.40 19.75
N LYS A 44 5.22 -2.62 19.76
CA LYS A 44 4.24 -2.65 18.67
C LYS A 44 4.89 -2.30 17.33
N ARG A 45 5.79 -1.30 17.33
CA ARG A 45 6.45 -0.87 16.11
C ARG A 45 7.50 -1.90 15.70
N ARG A 46 8.28 -2.44 16.67
CA ARG A 46 9.26 -3.48 16.29
C ARG A 46 8.55 -4.68 15.64
N ASN A 47 7.43 -5.11 16.25
CA ASN A 47 6.70 -6.26 15.73
C ASN A 47 6.15 -6.07 14.32
N GLU A 48 5.50 -4.94 14.04
N GLU A 48 5.53 -4.92 14.05
CA GLU A 48 4.95 -4.75 12.69
CA GLU A 48 4.98 -4.66 12.72
C GLU A 48 6.07 -4.66 11.65
C GLU A 48 6.06 -4.62 11.67
N PHE A 49 7.20 -3.99 12.02
CA PHE A 49 8.32 -3.82 11.10
C PHE A 49 8.92 -5.19 10.77
N ILE A 50 9.12 -6.03 11.80
CA ILE A 50 9.74 -7.34 11.59
C ILE A 50 8.82 -8.27 10.79
N THR A 51 7.55 -8.35 11.20
CA THR A 51 6.61 -9.26 10.52
C THR A 51 6.35 -8.86 9.09
N VAL A 52 6.21 -7.55 8.81
CA VAL A 52 5.96 -7.16 7.41
C VAL A 52 7.16 -7.51 6.52
N ARG A 53 8.38 -7.39 7.07
CA ARG A 53 9.57 -7.71 6.27
C ARG A 53 9.75 -9.22 6.11
N TYR A 54 9.23 -10.03 7.06
CA TYR A 54 9.23 -11.49 6.85
C TYR A 54 8.29 -11.78 5.64
N CYS A 55 7.13 -11.10 5.56
CA CYS A 55 6.22 -11.26 4.42
C CYS A 55 6.90 -10.83 3.15
N ALA A 56 7.57 -9.64 3.17
CA ALA A 56 8.22 -9.18 1.93
C ALA A 56 9.27 -10.13 1.44
N ARG A 57 10.09 -10.66 2.35
CA ARG A 57 11.13 -11.60 1.95
C ARG A 57 10.53 -12.90 1.40
N GLN A 58 9.35 -13.32 1.88
N GLN A 58 9.35 -13.32 1.88
CA GLN A 58 8.69 -14.51 1.32
CA GLN A 58 8.69 -14.51 1.35
C GLN A 58 8.26 -14.25 -0.12
C GLN A 58 8.26 -14.26 -0.12
N ALA A 59 7.67 -13.08 -0.37
CA ALA A 59 7.24 -12.72 -1.71
C ALA A 59 8.45 -12.55 -2.63
N LEU A 60 9.55 -11.93 -2.13
CA LEU A 60 10.78 -11.76 -2.93
C LEU A 60 11.36 -13.14 -3.30
N SER A 61 11.25 -14.13 -2.40
N SER A 61 11.27 -14.11 -2.40
CA SER A 61 11.75 -15.49 -2.68
CA SER A 61 11.81 -15.45 -2.73
C SER A 61 10.97 -16.18 -3.80
C SER A 61 11.03 -16.07 -3.91
N VAL A 62 9.73 -15.77 -4.05
CA VAL A 62 8.93 -16.29 -5.17
C VAL A 62 9.45 -15.74 -6.52
N LEU A 63 9.98 -14.50 -6.51
CA LEU A 63 10.63 -13.91 -7.67
C LEU A 63 12.07 -14.43 -7.90
N GLY A 64 12.60 -15.23 -6.99
CA GLY A 64 13.94 -15.79 -7.05
C GLY A 64 15.00 -14.96 -6.38
N ILE A 65 14.58 -13.96 -5.57
CA ILE A 65 15.50 -13.09 -4.86
C ILE A 65 15.70 -13.65 -3.46
N PRO A 66 16.94 -13.99 -3.11
CA PRO A 66 17.18 -14.52 -1.75
C PRO A 66 17.17 -13.41 -0.70
N GLU A 67 17.21 -13.80 0.57
CA GLU A 67 17.20 -12.94 1.76
C GLU A 67 18.03 -11.68 1.62
N VAL A 68 17.37 -10.52 1.79
CA VAL A 68 18.00 -9.22 1.65
C VAL A 68 17.35 -8.21 2.62
N PRO A 69 18.12 -7.30 3.22
CA PRO A 69 17.50 -6.28 4.09
C PRO A 69 16.63 -5.31 3.28
N ILE A 70 15.59 -4.77 3.95
CA ILE A 70 14.72 -3.78 3.32
C ILE A 70 14.78 -2.53 4.20
N LEU A 71 15.70 -1.64 3.85
CA LEU A 71 15.95 -0.44 4.62
C LEU A 71 15.02 0.69 4.17
N LYS A 72 15.14 1.86 4.80
CA LYS A 72 14.25 2.98 4.51
C LYS A 72 15.06 4.18 4.00
N GLY A 73 14.52 4.81 2.97
CA GLY A 73 15.12 5.99 2.38
C GLY A 73 14.75 7.25 3.12
N ASP A 74 15.14 8.41 2.56
CA ASP A 74 14.95 9.73 3.17
C ASP A 74 13.51 10.08 3.51
N LYS A 75 12.55 9.68 2.69
CA LYS A 75 11.13 9.96 2.97
C LYS A 75 10.39 8.73 3.58
N GLY A 76 11.15 7.79 4.17
CA GLY A 76 10.61 6.59 4.81
C GLY A 76 10.31 5.43 3.87
N GLN A 77 10.51 5.63 2.57
CA GLN A 77 10.19 4.65 1.55
C GLN A 77 11.09 3.42 1.64
N PRO A 78 10.52 2.23 1.41
CA PRO A 78 11.36 1.02 1.46
C PRO A 78 12.30 0.98 0.27
N LEU A 79 13.52 0.45 0.48
CA LEU A 79 14.50 0.42 -0.61
C LEU A 79 14.65 -0.98 -1.11
N TRP A 80 14.02 -1.26 -2.26
CA TRP A 80 13.98 -2.58 -2.87
C TRP A 80 15.24 -2.89 -3.66
N PRO A 81 15.50 -4.18 -3.96
CA PRO A 81 16.63 -4.50 -4.84
C PRO A 81 16.43 -3.87 -6.21
N ASP A 82 17.52 -3.75 -6.97
CA ASP A 82 17.43 -3.22 -8.34
C ASP A 82 16.49 -4.09 -9.21
N GLY A 83 15.63 -3.44 -9.96
CA GLY A 83 14.66 -4.12 -10.81
C GLY A 83 13.42 -4.62 -10.11
N ILE A 84 13.22 -4.22 -8.84
CA ILE A 84 12.05 -4.61 -8.06
C ILE A 84 11.29 -3.40 -7.59
N VAL A 85 9.95 -3.51 -7.61
CA VAL A 85 9.05 -2.55 -6.99
C VAL A 85 8.21 -3.32 -5.97
N GLY A 86 7.68 -2.61 -4.96
CA GLY A 86 6.92 -3.28 -3.93
C GLY A 86 6.27 -2.30 -2.99
N SER A 87 5.46 -2.88 -2.09
CA SER A 87 4.76 -2.08 -1.11
C SER A 87 4.46 -2.91 0.11
N MET A 88 4.42 -2.24 1.29
CA MET A 88 4.15 -2.92 2.55
C MET A 88 3.13 -2.12 3.35
N THR A 89 2.38 -2.83 4.21
CA THR A 89 1.39 -2.14 5.04
C THR A 89 1.14 -2.98 6.28
N HIS A 90 0.79 -2.28 7.37
CA HIS A 90 0.48 -2.93 8.63
C HIS A 90 -0.63 -2.12 9.31
N THR A 91 -1.54 -2.84 9.97
CA THR A 91 -2.58 -2.27 10.83
C THR A 91 -2.84 -3.34 11.89
N GLU A 92 -3.67 -3.05 12.91
CA GLU A 92 -3.94 -4.11 13.90
C GLU A 92 -4.68 -5.27 13.19
N GLY A 93 -4.12 -6.46 13.29
CA GLY A 93 -4.68 -7.64 12.64
C GLY A 93 -4.16 -7.88 11.23
N PHE A 94 -3.15 -7.08 10.77
CA PHE A 94 -2.69 -7.28 9.40
C PHE A 94 -1.26 -6.79 9.18
N ARG A 95 -0.45 -7.64 8.51
CA ARG A 95 0.84 -7.25 7.99
C ARG A 95 0.90 -7.86 6.58
N GLY A 96 1.30 -7.07 5.58
CA GLY A 96 1.37 -7.64 4.24
C GLY A 96 2.32 -6.92 3.34
N ALA A 97 2.77 -7.64 2.30
CA ALA A 97 3.69 -7.09 1.34
C ALA A 97 3.41 -7.65 -0.04
N VAL A 98 3.74 -6.86 -1.07
CA VAL A 98 3.62 -7.32 -2.44
C VAL A 98 4.86 -6.80 -3.20
N VAL A 99 5.39 -7.61 -4.13
CA VAL A 99 6.57 -7.19 -4.92
C VAL A 99 6.37 -7.58 -6.38
N GLY A 100 7.10 -6.90 -7.26
CA GLY A 100 7.02 -7.19 -8.68
C GLY A 100 8.29 -6.75 -9.39
N ARG A 101 8.43 -7.18 -10.64
N ARG A 101 8.48 -7.22 -10.63
CA ARG A 101 9.59 -6.84 -11.45
CA ARG A 101 9.66 -6.83 -11.40
C ARG A 101 9.33 -5.58 -12.27
C ARG A 101 9.36 -5.63 -12.28
N THR A 102 10.34 -4.73 -12.44
CA THR A 102 10.20 -3.50 -13.25
C THR A 102 9.95 -3.77 -14.74
N GLY A 103 10.28 -4.98 -15.22
CA GLY A 103 9.94 -5.33 -16.60
C GLY A 103 8.49 -5.75 -16.79
N GLU A 104 7.77 -5.98 -15.68
N GLU A 104 7.74 -5.96 -15.68
CA GLU A 104 6.41 -6.48 -15.72
CA GLU A 104 6.33 -6.35 -15.79
C GLU A 104 5.37 -5.47 -15.22
C GLU A 104 5.39 -5.24 -15.38
N VAL A 105 5.76 -4.48 -14.37
CA VAL A 105 4.91 -3.39 -13.87
C VAL A 105 5.76 -2.15 -13.58
N ARG A 106 5.13 -0.93 -13.49
CA ARG A 106 5.91 0.26 -13.16
C ARG A 106 5.99 0.53 -11.67
N SER A 107 4.87 0.31 -10.95
N SER A 107 4.93 0.24 -10.94
CA SER A 107 4.81 0.61 -9.51
CA SER A 107 4.90 0.47 -9.50
C SER A 107 3.66 -0.15 -8.88
C SER A 107 3.67 -0.15 -8.86
N VAL A 108 3.71 -0.33 -7.55
CA VAL A 108 2.60 -0.90 -6.81
C VAL A 108 2.52 -0.24 -5.45
N GLY A 109 1.29 -0.06 -4.97
CA GLY A 109 1.04 0.43 -3.62
C GLY A 109 -0.09 -0.37 -3.01
N ILE A 110 -0.03 -0.61 -1.69
CA ILE A 110 -1.10 -1.28 -0.94
C ILE A 110 -1.30 -0.61 0.40
N ASP A 111 -2.50 -0.79 0.98
CA ASP A 111 -2.78 -0.23 2.29
C ASP A 111 -3.87 -1.01 2.94
N ALA A 112 -3.74 -1.22 4.24
CA ALA A 112 -4.75 -1.92 5.00
C ALA A 112 -5.27 -1.04 6.12
N GLU A 113 -6.57 -1.09 6.38
CA GLU A 113 -7.15 -0.35 7.50
C GLU A 113 -8.22 -1.22 8.16
N PRO A 114 -8.55 -1.00 9.44
CA PRO A 114 -9.73 -1.68 10.01
C PRO A 114 -11.00 -1.17 9.32
N HIS A 115 -12.01 -2.06 9.14
CA HIS A 115 -13.26 -1.63 8.54
C HIS A 115 -14.14 -1.02 9.63
N ASP A 116 -13.83 0.23 9.96
CA ASP A 116 -14.52 1.02 10.98
C ASP A 116 -14.65 2.47 10.52
N VAL A 117 -15.49 3.28 11.19
CA VAL A 117 -15.54 4.71 10.85
C VAL A 117 -14.17 5.37 11.10
N LEU A 118 -13.87 6.46 10.38
CA LEU A 118 -12.65 7.21 10.68
C LEU A 118 -12.79 7.86 12.07
N PRO A 119 -11.68 8.13 12.76
CA PRO A 119 -11.75 8.91 14.00
C PRO A 119 -12.32 10.29 13.72
N ASN A 120 -12.84 10.95 14.77
CA ASN A 120 -13.42 12.28 14.62
C ASN A 120 -12.44 13.27 13.96
N GLY A 121 -12.93 14.05 13.00
CA GLY A 121 -12.15 15.08 12.32
C GLY A 121 -11.23 14.63 11.18
N VAL A 122 -10.97 13.33 11.05
CA VAL A 122 -10.06 12.86 10.01
C VAL A 122 -10.62 13.01 8.62
N LEU A 123 -11.91 12.72 8.38
CA LEU A 123 -12.49 12.85 7.03
C LEU A 123 -12.36 14.27 6.52
N LYS A 124 -12.60 15.27 7.39
CA LYS A 124 -12.45 16.67 6.97
C LYS A 124 -11.01 17.02 6.56
N SER A 125 -10.02 16.36 7.17
CA SER A 125 -8.62 16.61 6.86
C SER A 125 -8.14 15.91 5.59
N ILE A 126 -8.78 14.79 5.20
CA ILE A 126 -8.25 14.02 4.08
C ILE A 126 -9.10 14.10 2.82
N ALA A 127 -10.35 14.55 2.91
CA ALA A 127 -11.24 14.53 1.77
C ALA A 127 -11.51 15.90 1.20
N LEU A 128 -11.61 15.98 -0.14
CA LEU A 128 -12.06 17.21 -0.78
C LEU A 128 -13.56 17.34 -0.49
N PRO A 129 -14.10 18.58 -0.51
CA PRO A 129 -15.54 18.75 -0.33
C PRO A 129 -16.37 17.91 -1.30
N VAL A 130 -15.93 17.79 -2.58
CA VAL A 130 -16.67 16.99 -3.56
C VAL A 130 -16.63 15.48 -3.19
N GLU A 131 -15.52 15.00 -2.64
CA GLU A 131 -15.41 13.60 -2.21
C GLU A 131 -16.38 13.34 -1.07
N ARG A 132 -16.53 14.28 -0.14
CA ARG A 132 -17.50 14.10 0.95
C ARG A 132 -18.92 13.93 0.42
N ASP A 133 -19.30 14.74 -0.60
CA ASP A 133 -20.63 14.59 -1.20
C ASP A 133 -20.76 13.25 -1.89
N GLU A 134 -19.72 12.82 -2.63
CA GLU A 134 -19.75 11.55 -3.31
C GLU A 134 -19.92 10.36 -2.34
N LEU A 135 -19.19 10.37 -1.21
CA LEU A 135 -19.30 9.26 -0.25
C LEU A 135 -20.72 9.18 0.33
N ASP A 136 -21.35 10.36 0.57
CA ASP A 136 -22.72 10.36 1.11
C ASP A 136 -23.73 9.72 0.13
N ALA A 137 -23.45 9.76 -1.19
CA ALA A 137 -24.37 9.16 -2.18
C ALA A 137 -24.16 7.65 -2.40
N LEU A 138 -23.05 7.07 -1.88
CA LEU A 138 -22.80 5.63 -2.06
C LEU A 138 -23.77 4.75 -1.21
N PRO A 139 -23.97 3.47 -1.58
CA PRO A 139 -24.92 2.64 -0.81
C PRO A 139 -24.54 2.42 0.64
N ALA A 140 -25.55 2.30 1.50
CA ALA A 140 -25.32 2.06 2.91
C ALA A 140 -24.69 0.67 3.11
N GLY A 141 -23.96 0.51 4.20
CA GLY A 141 -23.39 -0.77 4.59
C GLY A 141 -21.89 -0.95 4.51
N THR A 142 -21.17 0.09 4.07
CA THR A 142 -19.71 0.09 3.98
C THR A 142 -19.17 1.40 4.56
N HIS A 143 -18.02 1.35 5.27
CA HIS A 143 -17.44 2.57 5.82
C HIS A 143 -16.67 3.30 4.75
N TRP A 144 -17.39 4.03 3.90
CA TRP A 144 -16.76 4.70 2.75
C TRP A 144 -15.65 5.68 3.11
N ASP A 145 -15.75 6.32 4.30
CA ASP A 145 -14.77 7.30 4.75
C ASP A 145 -13.42 6.61 5.00
N ARG A 146 -13.45 5.46 5.66
CA ARG A 146 -12.21 4.71 5.90
C ARG A 146 -11.64 4.13 4.60
N LEU A 147 -12.55 3.71 3.70
CA LEU A 147 -12.09 3.19 2.39
C LEU A 147 -11.42 4.32 1.61
N LEU A 148 -11.98 5.54 1.65
CA LEU A 148 -11.35 6.66 0.96
C LEU A 148 -9.94 6.95 1.50
N PHE A 149 -9.76 6.92 2.82
CA PHE A 149 -8.46 7.20 3.43
C PHE A 149 -7.47 6.12 2.98
N CYS A 150 -7.89 4.84 3.05
CA CYS A 150 -7.08 3.70 2.64
C CYS A 150 -6.61 3.90 1.18
N ALA A 151 -7.56 4.29 0.31
CA ALA A 151 -7.24 4.48 -1.11
C ALA A 151 -6.26 5.63 -1.32
N LYS A 152 -6.35 6.69 -0.49
CA LYS A 152 -5.41 7.82 -0.60
C LYS A 152 -4.01 7.40 -0.19
N GLU A 153 -3.89 6.55 0.84
CA GLU A 153 -2.57 6.07 1.25
C GLU A 153 -1.94 5.21 0.15
N THR A 154 -2.75 4.30 -0.44
CA THR A 154 -2.28 3.45 -1.56
C THR A 154 -1.86 4.33 -2.74
N THR A 155 -2.58 5.42 -3.00
CA THR A 155 -2.20 6.32 -4.09
C THR A 155 -0.81 6.91 -3.85
N TYR A 156 -0.50 7.37 -2.64
CA TYR A 156 0.81 7.92 -2.34
C TYR A 156 1.89 6.86 -2.49
N LYS A 157 1.65 5.64 -1.99
CA LYS A 157 2.66 4.59 -2.10
C LYS A 157 2.95 4.19 -3.53
N ALA A 158 1.94 4.24 -4.43
CA ALA A 158 2.24 3.93 -5.85
C ALA A 158 2.91 5.14 -6.55
N TRP A 159 2.57 6.35 -6.13
CA TRP A 159 3.10 7.58 -6.72
C TRP A 159 4.57 7.85 -6.35
N PHE A 160 4.94 7.78 -5.06
CA PHE A 160 6.27 8.18 -4.59
C PHE A 160 7.40 7.47 -5.34
N PRO A 161 7.37 6.14 -5.53
CA PRO A 161 8.48 5.49 -6.25
C PRO A 161 8.67 5.98 -7.69
N LEU A 162 7.64 6.62 -8.29
CA LEU A 162 7.77 7.11 -9.66
C LEU A 162 8.10 8.59 -9.76
N THR A 163 7.88 9.37 -8.69
CA THR A 163 8.08 10.82 -8.76
C THR A 163 9.07 11.36 -7.77
N ALA A 164 9.29 10.65 -6.64
CA ALA A 164 10.12 11.15 -5.54
C ALA A 164 9.59 12.49 -4.99
N ARG A 165 8.28 12.72 -5.07
CA ARG A 165 7.68 13.94 -4.55
C ARG A 165 6.55 13.64 -3.58
N TRP A 166 6.32 14.58 -2.68
CA TRP A 166 5.20 14.52 -1.75
C TRP A 166 3.87 14.59 -2.53
N LEU A 167 2.82 13.99 -1.96
CA LEU A 167 1.49 14.08 -2.52
C LEU A 167 0.57 14.29 -1.32
N GLY A 168 -0.10 15.42 -1.24
CA GLY A 168 -1.00 15.68 -0.11
C GLY A 168 -2.35 15.04 -0.31
N PHE A 169 -3.16 14.98 0.77
CA PHE A 169 -4.51 14.40 0.64
C PHE A 169 -5.39 15.21 -0.31
N GLU A 170 -5.16 16.54 -0.36
CA GLU A 170 -5.92 17.41 -1.26
C GLU A 170 -5.44 17.37 -2.71
N ASP A 171 -4.32 16.65 -2.99
CA ASP A 171 -3.73 16.59 -4.32
C ASP A 171 -4.24 15.47 -5.23
N ALA A 172 -5.18 14.65 -4.71
CA ALA A 172 -5.75 13.56 -5.48
C ALA A 172 -7.22 13.41 -5.18
N HIS A 173 -8.01 13.21 -6.23
CA HIS A 173 -9.46 13.00 -6.11
C HIS A 173 -9.71 11.52 -6.40
N ILE A 174 -10.16 10.79 -5.37
N ILE A 174 -10.22 10.82 -5.39
CA ILE A 174 -10.47 9.37 -5.47
CA ILE A 174 -10.51 9.40 -5.48
C ILE A 174 -11.98 9.21 -5.64
C ILE A 174 -12.00 9.11 -5.57
N THR A 175 -12.38 8.34 -6.59
CA THR A 175 -13.78 7.98 -6.85
C THR A 175 -13.89 6.49 -6.60
N ILE A 176 -14.73 6.12 -5.65
N ILE A 176 -14.71 6.11 -5.61
CA ILE A 176 -14.90 4.72 -5.28
CA ILE A 176 -14.88 4.71 -5.20
C ILE A 176 -16.11 4.11 -5.94
C ILE A 176 -16.12 4.05 -5.82
N ASP A 177 -15.92 2.94 -6.55
CA ASP A 177 -17.05 2.22 -7.13
C ASP A 177 -17.40 1.06 -6.21
N PRO A 178 -18.70 0.86 -5.90
CA PRO A 178 -19.09 -0.29 -5.05
C PRO A 178 -18.66 -1.67 -5.57
N ASP A 179 -18.30 -1.77 -6.86
CA ASP A 179 -17.88 -3.03 -7.45
C ASP A 179 -16.46 -3.47 -7.10
N GLY A 180 -15.76 -2.76 -6.23
CA GLY A 180 -14.41 -3.17 -5.85
C GLY A 180 -13.30 -2.51 -6.64
N THR A 181 -13.62 -1.43 -7.37
CA THR A 181 -12.59 -0.66 -8.05
C THR A 181 -12.65 0.80 -7.58
N PHE A 182 -11.58 1.52 -7.84
CA PHE A 182 -11.56 2.96 -7.61
C PHE A 182 -10.63 3.63 -8.61
N THR A 183 -10.74 4.95 -8.77
CA THR A 183 -9.82 5.70 -9.61
C THR A 183 -9.21 6.81 -8.79
N SER A 184 -7.95 7.16 -9.04
CA SER A 184 -7.30 8.29 -8.35
C SER A 184 -6.87 9.28 -9.41
N ARG A 185 -7.36 10.51 -9.36
CA ARG A 185 -7.01 11.55 -10.33
C ARG A 185 -6.08 12.54 -9.66
N ILE A 186 -4.88 12.72 -10.22
CA ILE A 186 -3.88 13.59 -9.63
C ILE A 186 -4.19 15.03 -10.03
N LEU A 187 -4.20 15.94 -9.04
CA LEU A 187 -4.58 17.36 -9.28
C LEU A 187 -3.39 18.32 -9.27
N VAL A 188 -2.17 17.80 -9.18
CA VAL A 188 -0.94 18.57 -9.20
C VAL A 188 -0.06 18.09 -10.38
N ASP A 189 1.10 18.72 -10.61
CA ASP A 189 2.04 18.34 -11.66
C ASP A 189 2.39 16.86 -11.52
N GLY A 190 2.17 16.09 -12.57
CA GLY A 190 2.41 14.66 -12.55
C GLY A 190 3.67 14.18 -13.23
N ARG A 191 4.65 15.08 -13.48
CA ARG A 191 5.89 14.65 -14.14
C ARG A 191 6.61 13.57 -13.34
N ALA A 192 6.89 12.44 -13.99
CA ALA A 192 7.54 11.31 -13.35
C ALA A 192 9.06 11.35 -13.61
N ASN A 193 9.85 10.63 -12.82
CA ASN A 193 11.30 10.61 -12.99
C ASN A 193 11.78 9.97 -14.28
N ASP A 194 10.91 9.23 -15.00
CA ASP A 194 11.31 8.64 -16.28
C ASP A 194 10.90 9.48 -17.52
N GLY A 195 10.51 10.73 -17.30
CA GLY A 195 10.10 11.65 -18.36
C GLY A 195 8.64 11.65 -18.74
N THR A 196 7.89 10.64 -18.27
CA THR A 196 6.48 10.50 -18.58
C THR A 196 5.59 11.36 -17.63
N VAL A 197 4.27 11.39 -17.88
CA VAL A 197 3.31 12.14 -17.09
C VAL A 197 2.30 11.19 -16.46
N LEU A 198 2.14 11.27 -15.13
CA LEU A 198 1.11 10.49 -14.42
C LEU A 198 -0.10 11.43 -14.25
N SER A 199 -1.29 10.94 -14.57
CA SER A 199 -2.50 11.75 -14.41
C SER A 199 -3.55 11.02 -13.59
N ALA A 200 -3.64 9.70 -13.76
CA ALA A 200 -4.63 8.92 -13.06
C ALA A 200 -4.14 7.50 -12.81
N PHE A 201 -4.64 6.91 -11.74
CA PHE A 201 -4.34 5.54 -11.39
C PHE A 201 -5.66 4.75 -11.30
N ASP A 202 -5.58 3.45 -11.54
CA ASP A 202 -6.71 2.56 -11.37
C ASP A 202 -6.40 1.70 -10.13
N GLY A 203 -7.36 1.57 -9.23
CA GLY A 203 -7.19 0.77 -8.02
C GLY A 203 -8.24 -0.31 -7.83
N ARG A 204 -7.96 -1.24 -6.91
CA ARG A 204 -8.89 -2.30 -6.56
C ARG A 204 -9.02 -2.32 -5.04
N TRP A 205 -10.17 -2.75 -4.53
CA TRP A 205 -10.35 -2.82 -3.07
C TRP A 205 -11.15 -4.02 -2.66
N ILE A 206 -10.93 -4.50 -1.43
CA ILE A 206 -11.70 -5.62 -0.89
C ILE A 206 -11.90 -5.40 0.60
N ILE A 207 -13.05 -5.84 1.12
CA ILE A 207 -13.33 -5.81 2.55
C ILE A 207 -13.59 -7.25 2.98
N ASP A 208 -12.80 -7.73 3.93
CA ASP A 208 -12.93 -9.10 4.45
C ASP A 208 -12.20 -9.19 5.78
N LYS A 209 -12.62 -10.15 6.66
CA LYS A 209 -11.97 -10.32 7.95
C LYS A 209 -11.95 -9.04 8.81
N GLY A 210 -12.91 -8.14 8.62
CA GLY A 210 -12.95 -6.86 9.35
C GLY A 210 -11.90 -5.85 8.91
N LEU A 211 -11.32 -6.07 7.73
CA LEU A 211 -10.27 -5.20 7.22
C LEU A 211 -10.65 -4.65 5.83
N ILE A 212 -10.10 -3.50 5.49
CA ILE A 212 -10.17 -2.98 4.13
C ILE A 212 -8.76 -3.11 3.55
N LEU A 213 -8.66 -3.57 2.31
N LEU A 213 -8.64 -3.62 2.32
CA LEU A 213 -7.38 -3.58 1.63
CA LEU A 213 -7.33 -3.67 1.64
C LEU A 213 -7.56 -2.88 0.30
C LEU A 213 -7.47 -2.99 0.27
N THR A 214 -6.65 -1.95 -0.02
CA THR A 214 -6.67 -1.31 -1.33
C THR A 214 -5.33 -1.55 -2.02
N ALA A 215 -5.34 -1.58 -3.35
CA ALA A 215 -4.10 -1.75 -4.11
C ALA A 215 -4.17 -0.96 -5.40
N ILE A 216 -3.02 -0.48 -5.85
CA ILE A 216 -2.91 0.13 -7.17
C ILE A 216 -1.71 -0.53 -7.83
N VAL A 217 -1.87 -0.95 -9.09
CA VAL A 217 -0.73 -1.37 -9.90
C VAL A 217 -0.65 -0.37 -11.06
N VAL A 218 0.48 0.30 -11.22
CA VAL A 218 0.70 1.22 -12.35
C VAL A 218 1.30 0.32 -13.43
N PRO A 219 0.55 0.07 -14.52
CA PRO A 219 0.97 -0.94 -15.49
C PRO A 219 2.13 -0.55 -16.35
N LYS A 220 2.72 -1.57 -16.98
CA LYS A 220 3.79 -1.43 -17.97
C LYS A 220 3.29 -0.51 -19.10
N LEU A 221 4.15 0.40 -19.60
CA LEU A 221 3.78 1.29 -20.70
C LEU A 221 3.44 0.48 -21.96
C10 FD7 B . 2.05 8.52 5.74
C12 FD7 B . 1.12 9.66 3.79
C14 FD7 B . -0.22 10.66 2.00
C16 FD7 B . -1.83 11.59 0.36
C17 FD7 B . -2.29 11.01 -0.93
C01 FD7 B . -0.48 9.85 7.47
C02 FD7 B . 0.85 10.38 7.01
C03 FD7 B . 1.92 9.32 6.88
C04 FD7 B . 2.83 9.12 7.93
C05 FD7 B . 3.81 8.15 7.85
C06 FD7 B . 3.92 7.38 6.70
C07 FD7 B . 3.08 7.58 5.61
C08 FD7 B . 3.41 6.92 4.28
C09 FD7 B . 2.63 5.71 4.01
N11 FD7 B . 1.09 8.64 4.70
N13 FD7 B . 0.02 9.71 2.96
N15 FD7 B . -1.38 10.59 1.33
N18 FD7 B . 0.68 11.53 1.66
O19 FD7 B . 2.04 10.47 3.73
H1 FD7 B . -2.67 12.11 0.84
H2 FD7 B . -1.11 12.37 0.20
H3 FD7 B . -3.10 10.29 -0.79
H4 FD7 B . -1.50 10.49 -1.47
H5 FD7 B . -2.68 11.77 -1.60
H6 FD7 B . -0.88 9.09 6.78
H7 FD7 B . -0.44 9.38 8.44
H8 FD7 B . -1.23 10.63 7.55
H9 FD7 B . 1.21 11.13 7.71
H10 FD7 B . 0.70 10.91 6.07
H11 FD7 B . 2.78 9.73 8.84
H12 FD7 B . 4.48 7.99 8.68
H13 FD7 B . 4.69 6.60 6.66
H14 FD7 B . 3.26 7.64 3.48
H15 FD7 B . 4.48 6.71 4.23
H16 FD7 B . 2.89 5.27 3.04
H17 FD7 B . 2.80 4.94 4.77
H18 FD7 B . 1.56 5.89 3.97
H19 FD7 B . 0.38 7.91 4.68
H20 FD7 B . -0.69 8.98 3.04
H21 FD7 B . -2.01 9.81 1.49
H22 FD7 B . 1.61 11.55 2.05
N1A COA C . 6.56 5.84 -0.44
C2A COA C . 6.20 4.50 -0.46
N3A COA C . 6.06 3.73 0.61
C4A COA C . 6.41 4.32 1.79
C5A COA C . 6.75 5.70 1.92
C6A COA C . 6.91 6.46 0.73
N6A COA C . 7.34 7.80 0.76
N7A COA C . 7.02 5.98 3.30
C8A COA C . 6.74 4.83 3.97
N9A COA C . 6.36 3.80 3.08
C1B COA C . 6.03 2.39 3.46
C2B COA C . 7.11 1.75 4.44
O2B COA C . 7.48 0.50 4.00
C3B COA C . 6.24 1.66 5.83
O3B COA C . 6.47 0.56 6.55
P3B COA C . 8.04 0.52 7.36
O7A COA C . 7.86 -0.62 8.32
O8A COA C . 8.18 1.84 8.04
O9A COA C . 9.02 0.28 6.26
C4B COA C . 4.86 1.61 5.18
O4B COA C . 4.81 2.47 4.07
C5B COA C . 3.82 2.04 6.23
O5B COA C . 2.67 1.70 5.63
P1A COA C . 1.28 1.64 6.66
O1A COA C . 1.73 0.52 7.54
O2A COA C . 1.18 3.07 7.19
O3A COA C . 0.16 1.35 5.72
H2A COA C . 5.99 4.13 -1.28
H61A COA C . 8.06 8.05 1.14
H62A COA C . 6.94 8.48 0.42
H8A COA C . 6.82 4.68 4.88
H1B COA C . 6.03 1.90 2.63
H2B COA C . 7.80 2.34 4.79
HO2A COA C . 8.13 0.53 3.47
H3B COA C . 6.46 2.53 6.18
H4B COA C . 4.68 0.68 4.93
H51A COA C . 3.97 2.98 6.40
H52A COA C . 4.07 1.54 7.02
MN MN D . 1.24 0.72 9.79
MN MN E . -1.50 2.61 6.12
#